data_4J4B
#
_entry.id   4J4B
#
_cell.length_a   48.383
_cell.length_b   142.440
_cell.length_c   167.305
_cell.angle_alpha   90.00
_cell.angle_beta   90.00
_cell.angle_gamma   90.00
#
_symmetry.space_group_name_H-M   'C 2 2 21'
#
loop_
_entity.id
_entity.type
_entity.pdbx_description
1 polymer PylD
2 non-polymer '1,4-DIHYDRONICOTINAMIDE ADENINE DINUCLEOTIDE'
3 non-polymer 'SODIUM ION'
4 non-polymer 'MAGNESIUM ION'
5 non-polymer N~6~-D-ornithyl-L-lysine
6 water water
#
_entity_poly.entity_id   1
_entity_poly.type   'polypeptide(L)'
_entity_poly.pdbx_seq_one_letter_code
;MALLTPDDLININMQLQKADSAVQEVTGLDIKGICKALYGTFSSSEKVGIVPVTSGNGIIGNFSASLHAITQYFGFDSFV
TDMPDVSGYYEAVQNGAEIILMADDRTFLAHNLKNGKMANNQPCTGIIYAEIASRYLKADSKDVLVVGLGKVGFPGAEHL
VQKDFRVYGYDADETLLERATSNLGIIPFDPANPKKFSIIFEATPCANTIPEAVLSENCVLSTPGIPCAISEELRDKYEV
QLIAEPLGIGTASMLYSVL
;
_entity_poly.pdbx_strand_id   A,B
#
loop_
_chem_comp.id
_chem_comp.type
_chem_comp.name
_chem_comp.formula
0TF non-polymer N~6~-D-ornithyl-L-lysine 'C11 H24 N4 O3'
MG non-polymer 'MAGNESIUM ION' 'Mg 2'
NA non-polymer 'SODIUM ION' 'Na 1'
NAI non-polymer '1,4-DIHYDRONICOTINAMIDE ADENINE DINUCLEOTIDE' 'C21 H29 N7 O14 P2'
#
# COMPACT_ATOMS: atom_id res chain seq x y z
N MET A 1 -4.05 1.94 -4.22
CA MET A 1 -4.68 0.72 -4.80
C MET A 1 -3.73 -0.49 -4.69
N ALA A 2 -3.97 -1.32 -3.67
CA ALA A 2 -3.18 -2.52 -3.47
C ALA A 2 -3.65 -3.65 -4.39
N LEU A 3 -3.15 -3.62 -5.62
CA LEU A 3 -3.53 -4.58 -6.65
C LEU A 3 -2.50 -5.71 -6.77
N LEU A 4 -2.91 -6.83 -7.36
CA LEU A 4 -2.00 -7.92 -7.66
C LEU A 4 -0.94 -7.50 -8.68
N THR A 5 0.29 -7.95 -8.46
CA THR A 5 1.36 -7.83 -9.44
C THR A 5 1.60 -9.21 -10.06
N PRO A 6 2.19 -9.27 -11.27
CA PRO A 6 2.43 -10.57 -11.91
C PRO A 6 3.26 -11.56 -11.08
N ASP A 7 4.18 -11.04 -10.27
CA ASP A 7 5.08 -11.88 -9.47
C ASP A 7 4.41 -12.49 -8.24
N ASP A 8 3.26 -11.96 -7.84
CA ASP A 8 2.44 -12.57 -6.79
C ASP A 8 1.81 -13.87 -7.27
N LEU A 9 1.69 -14.01 -8.59
CA LEU A 9 0.97 -15.11 -9.20
C LEU A 9 1.87 -16.17 -9.86
N ILE A 10 3.15 -16.18 -9.51
CA ILE A 10 4.10 -17.16 -10.03
C ILE A 10 3.81 -18.55 -9.47
N ASN A 11 3.65 -19.52 -10.38
CA ASN A 11 3.16 -20.86 -10.07
C ASN A 11 2.02 -20.87 -9.05
N ILE A 12 0.86 -20.39 -9.49
CA ILE A 12 -0.35 -20.30 -8.67
C ILE A 12 -0.81 -21.68 -8.15
N ASN A 13 -0.48 -22.74 -8.88
CA ASN A 13 -0.82 -24.11 -8.46
C ASN A 13 -0.10 -24.55 -7.20
N MET A 14 1.20 -24.28 -7.12
CA MET A 14 2.02 -24.64 -5.96
C MET A 14 1.64 -23.82 -4.74
N GLN A 15 1.28 -22.55 -4.95
CA GLN A 15 0.80 -21.68 -3.89
C GLN A 15 -0.53 -22.17 -3.32
N LEU A 16 -1.44 -22.55 -4.22
CA LEU A 16 -2.78 -22.99 -3.84
C LEU A 16 -2.78 -24.38 -3.19
N GLN A 17 -1.85 -25.24 -3.62
CA GLN A 17 -1.68 -26.56 -3.01
C GLN A 17 -1.20 -26.45 -1.57
N LYS A 18 -0.18 -25.63 -1.35
CA LYS A 18 0.37 -25.43 -0.01
C LYS A 18 -0.60 -24.73 0.94
N ALA A 19 -1.41 -23.82 0.39
CA ALA A 19 -2.48 -23.18 1.15
C ALA A 19 -3.59 -24.18 1.48
N ASP A 20 -3.88 -25.06 0.52
CA ASP A 20 -4.90 -26.09 0.68
C ASP A 20 -4.53 -27.06 1.80
N SER A 21 -3.26 -27.49 1.82
CA SER A 21 -2.73 -28.38 2.85
C SER A 21 -2.72 -27.71 4.22
N ALA A 22 -2.49 -26.39 4.23
CA ALA A 22 -2.51 -25.59 5.46
C ALA A 22 -3.93 -25.49 6.02
N VAL A 23 -4.91 -25.32 5.14
CA VAL A 23 -6.32 -25.29 5.54
C VAL A 23 -6.75 -26.65 6.10
N GLN A 24 -6.34 -27.72 5.44
CA GLN A 24 -6.59 -29.09 5.89
C GLN A 24 -6.05 -29.32 7.29
N GLU A 25 -4.81 -28.86 7.51
CA GLU A 25 -4.13 -29.02 8.79
C GLU A 25 -4.76 -28.19 9.90
N VAL A 26 -5.31 -27.03 9.55
CA VAL A 26 -5.88 -26.09 10.51
C VAL A 26 -7.34 -26.41 10.86
N THR A 27 -8.17 -26.63 9.84
CA THR A 27 -9.61 -26.76 10.02
C THR A 27 -10.14 -28.21 9.94
N GLY A 28 -9.35 -29.11 9.37
CA GLY A 28 -9.78 -30.49 9.15
C GLY A 28 -10.48 -30.69 7.81
N LEU A 29 -10.72 -29.58 7.11
CA LEU A 29 -11.35 -29.59 5.78
C LEU A 29 -10.42 -28.92 4.79
N ASP A 30 -10.57 -29.25 3.50
CA ASP A 30 -9.85 -28.53 2.45
C ASP A 30 -10.64 -27.27 2.04
N ILE A 31 -10.04 -26.45 1.17
CA ILE A 31 -10.70 -25.23 0.69
C ILE A 31 -12.09 -25.52 0.11
N LYS A 32 -12.18 -26.61 -0.65
CA LYS A 32 -13.45 -27.08 -1.21
C LYS A 32 -14.44 -27.41 -0.09
N GLY A 33 -13.96 -28.09 0.94
CA GLY A 33 -14.77 -28.43 2.11
C GLY A 33 -15.26 -27.21 2.88
N ILE A 34 -14.39 -26.21 3.03
CA ILE A 34 -14.75 -24.95 3.67
C ILE A 34 -15.89 -24.28 2.88
N CYS A 35 -15.72 -24.18 1.57
CA CYS A 35 -16.72 -23.58 0.68
C CYS A 35 -18.07 -24.29 0.77
N LYS A 36 -18.04 -25.63 0.85
CA LYS A 36 -19.22 -26.45 1.03
C LYS A 36 -19.90 -26.16 2.36
N ALA A 37 -19.11 -26.16 3.43
CA ALA A 37 -19.60 -25.86 4.78
C ALA A 37 -20.18 -24.46 4.87
N LEU A 38 -19.61 -23.54 4.11
CA LEU A 38 -20.00 -22.13 4.14
C LEU A 38 -21.31 -21.88 3.39
N TYR A 39 -21.41 -22.43 2.17
CA TYR A 39 -22.52 -22.13 1.28
C TYR A 39 -23.50 -23.28 1.04
N GLY A 40 -23.14 -24.48 1.52
CA GLY A 40 -23.98 -25.68 1.35
C GLY A 40 -24.16 -26.04 -0.10
N THR A 41 -23.09 -25.89 -0.87
CA THR A 41 -23.17 -25.94 -2.32
C THR A 41 -22.02 -26.79 -2.89
N PHE A 42 -22.14 -27.21 -4.15
CA PHE A 42 -21.08 -28.00 -4.78
C PHE A 42 -20.91 -27.72 -6.26
N SER A 43 -19.73 -28.06 -6.78
CA SER A 43 -19.37 -27.82 -8.16
C SER A 43 -19.92 -28.92 -9.07
N SER A 44 -20.25 -28.54 -10.30
CA SER A 44 -20.67 -29.50 -11.31
C SER A 44 -19.94 -29.23 -12.61
N SER A 45 -18.64 -28.95 -12.47
CA SER A 45 -17.75 -28.59 -13.58
C SER A 45 -18.33 -27.52 -14.51
N GLU A 46 -18.94 -26.50 -13.91
CA GLU A 46 -19.57 -25.40 -14.66
C GLU A 46 -18.61 -24.71 -15.62
N LYS A 47 -19.19 -24.13 -16.68
CA LYS A 47 -18.41 -23.40 -17.66
C LYS A 47 -18.29 -21.93 -17.25
N VAL A 48 -17.07 -21.55 -16.89
CA VAL A 48 -16.80 -20.18 -16.44
C VAL A 48 -15.90 -19.43 -17.43
N GLY A 49 -16.43 -18.32 -17.95
CA GLY A 49 -15.72 -17.48 -18.89
C GLY A 49 -14.93 -16.39 -18.17
N ILE A 50 -13.62 -16.42 -18.36
CA ILE A 50 -12.72 -15.43 -17.78
C ILE A 50 -12.46 -14.34 -18.82
N VAL A 51 -12.88 -13.13 -18.49
CA VAL A 51 -12.80 -12.01 -19.43
C VAL A 51 -11.73 -11.03 -18.97
N PRO A 52 -10.60 -10.96 -19.72
CA PRO A 52 -9.58 -9.96 -19.43
C PRO A 52 -10.16 -8.56 -19.62
N VAL A 53 -9.74 -7.64 -18.76
CA VAL A 53 -10.24 -6.27 -18.76
C VAL A 53 -9.07 -5.28 -18.78
N THR A 54 -9.11 -4.38 -19.76
CA THR A 54 -8.04 -3.38 -19.96
C THR A 54 -8.32 -2.06 -19.23
N SER A 55 -9.44 -2.00 -18.52
CA SER A 55 -9.86 -0.80 -17.77
C SER A 55 -8.84 -0.40 -16.71
N GLY A 56 -8.79 0.90 -16.41
CA GLY A 56 -7.87 1.45 -15.41
C GLY A 56 -6.41 1.14 -15.71
N ASN A 57 -5.70 0.63 -14.72
CA ASN A 57 -4.31 0.19 -14.91
C ASN A 57 -4.14 -0.96 -15.91
N GLY A 58 -5.25 -1.60 -16.26
CA GLY A 58 -5.26 -2.55 -17.36
C GLY A 58 -5.06 -4.00 -16.98
N ILE A 59 -4.75 -4.80 -17.99
CA ILE A 59 -4.52 -6.22 -17.82
C ILE A 59 -3.30 -6.47 -16.92
N ILE A 60 -3.47 -7.34 -15.92
CA ILE A 60 -2.38 -7.75 -15.07
C ILE A 60 -1.84 -9.08 -15.57
N GLY A 61 -0.54 -9.12 -15.84
CA GLY A 61 0.13 -10.34 -16.31
C GLY A 61 -0.09 -11.47 -15.33
N ASN A 62 -0.41 -12.65 -15.87
CA ASN A 62 -0.70 -13.87 -15.08
C ASN A 62 -2.08 -13.93 -14.45
N PHE A 63 -2.82 -12.82 -14.44
CA PHE A 63 -4.13 -12.77 -13.76
C PHE A 63 -5.17 -13.73 -14.33
N SER A 64 -5.51 -13.55 -15.61
CA SER A 64 -6.50 -14.40 -16.26
C SER A 64 -6.03 -15.85 -16.37
N ALA A 65 -4.71 -16.04 -16.53
CA ALA A 65 -4.10 -17.37 -16.55
C ALA A 65 -4.16 -18.07 -15.19
N SER A 66 -3.94 -17.30 -14.12
CA SER A 66 -4.06 -17.83 -12.76
C SER A 66 -5.49 -18.22 -12.44
N LEU A 67 -6.45 -17.41 -12.89
CA LEU A 67 -7.87 -17.72 -12.70
C LEU A 67 -8.25 -19.00 -13.44
N HIS A 68 -7.64 -19.20 -14.61
CA HIS A 68 -7.82 -20.44 -15.37
C HIS A 68 -7.37 -21.64 -14.56
N ALA A 69 -6.15 -21.56 -14.00
CA ALA A 69 -5.58 -22.63 -13.20
C ALA A 69 -6.36 -22.88 -11.91
N ILE A 70 -6.79 -21.80 -11.24
CA ILE A 70 -7.59 -21.89 -10.01
C ILE A 70 -8.91 -22.63 -10.28
N THR A 71 -9.66 -22.17 -11.28
CA THR A 71 -10.93 -22.79 -11.64
C THR A 71 -10.75 -24.25 -12.08
N GLN A 72 -9.68 -24.54 -12.83
CA GLN A 72 -9.34 -25.92 -13.22
C GLN A 72 -9.03 -26.78 -11.99
N TYR A 73 -8.31 -26.19 -11.02
CA TYR A 73 -7.96 -26.86 -9.76
C TYR A 73 -9.20 -27.24 -8.95
N PHE A 74 -10.21 -26.37 -8.96
CA PHE A 74 -11.47 -26.65 -8.25
C PHE A 74 -12.50 -27.37 -9.13
N GLY A 75 -12.03 -27.88 -10.26
CA GLY A 75 -12.84 -28.74 -11.12
C GLY A 75 -13.90 -28.05 -11.95
N PHE A 76 -13.64 -26.81 -12.33
CA PHE A 76 -14.54 -26.06 -13.21
C PHE A 76 -14.06 -26.12 -14.65
N ASP A 77 -14.99 -26.04 -15.60
CA ASP A 77 -14.65 -26.02 -17.02
C ASP A 77 -14.47 -24.57 -17.49
N SER A 78 -13.26 -24.06 -17.32
CA SER A 78 -13.00 -22.65 -17.56
C SER A 78 -12.20 -22.37 -18.83
N PHE A 79 -12.34 -21.13 -19.31
CA PHE A 79 -11.60 -20.65 -20.48
C PHE A 79 -11.43 -19.13 -20.40
N VAL A 80 -10.34 -18.65 -20.99
CA VAL A 80 -10.07 -17.22 -21.09
C VAL A 80 -10.37 -16.76 -22.52
N THR A 81 -11.22 -15.74 -22.65
CA THR A 81 -11.59 -15.20 -23.95
C THR A 81 -10.41 -14.54 -24.67
N ASP A 82 -10.41 -14.64 -26.01
CA ASP A 82 -9.40 -14.01 -26.85
C ASP A 82 -9.50 -12.49 -26.78
N MET A 83 -10.73 -11.98 -26.87
CA MET A 83 -11.01 -10.54 -26.79
C MET A 83 -11.15 -10.10 -25.33
N PRO A 84 -10.81 -8.83 -25.04
CA PRO A 84 -11.04 -8.29 -23.71
C PRO A 84 -12.31 -7.44 -23.62
N ASP A 85 -12.66 -7.01 -22.40
CA ASP A 85 -13.71 -6.03 -22.15
C ASP A 85 -15.11 -6.45 -22.63
N VAL A 86 -15.83 -5.56 -23.31
CA VAL A 86 -17.18 -5.83 -23.82
C VAL A 86 -17.15 -6.89 -24.92
N SER A 87 -16.19 -6.75 -25.84
CA SER A 87 -15.95 -7.75 -26.88
C SER A 87 -15.70 -9.14 -26.27
N GLY A 88 -14.88 -9.16 -25.22
CA GLY A 88 -14.60 -10.38 -24.47
C GLY A 88 -15.81 -10.94 -23.72
N TYR A 89 -16.59 -10.04 -23.14
CA TYR A 89 -17.86 -10.41 -22.49
C TYR A 89 -18.77 -11.12 -23.51
N TYR A 90 -18.92 -10.50 -24.68
CA TYR A 90 -19.73 -11.04 -25.78
C TYR A 90 -19.27 -12.46 -26.17
N GLU A 91 -17.96 -12.61 -26.36
CA GLU A 91 -17.35 -13.89 -26.70
C GLU A 91 -17.64 -14.96 -25.66
N ALA A 92 -17.51 -14.60 -24.39
CA ALA A 92 -17.80 -15.50 -23.27
C ALA A 92 -19.23 -16.04 -23.33
N VAL A 93 -20.20 -15.13 -23.46
CA VAL A 93 -21.61 -15.50 -23.53
C VAL A 93 -21.90 -16.35 -24.78
N GLN A 94 -21.34 -15.93 -25.92
CA GLN A 94 -21.46 -16.70 -27.16
C GLN A 94 -20.91 -18.13 -27.04
N ASN A 95 -19.79 -18.28 -26.32
CA ASN A 95 -19.16 -19.59 -26.15
C ASN A 95 -19.75 -20.45 -25.03
N GLY A 96 -20.93 -20.04 -24.54
CA GLY A 96 -21.70 -20.85 -23.61
C GLY A 96 -21.31 -20.74 -22.14
N ALA A 97 -20.71 -19.61 -21.75
CA ALA A 97 -20.33 -19.38 -20.36
C ALA A 97 -21.56 -19.37 -19.47
N GLU A 98 -21.46 -20.06 -18.34
CA GLU A 98 -22.54 -20.11 -17.35
C GLU A 98 -22.27 -19.09 -16.24
N ILE A 99 -20.99 -18.93 -15.91
CA ILE A 99 -20.54 -17.93 -14.95
C ILE A 99 -19.49 -17.03 -15.60
N ILE A 100 -19.72 -15.72 -15.57
CA ILE A 100 -18.75 -14.74 -16.05
C ILE A 100 -17.85 -14.33 -14.89
N LEU A 101 -16.54 -14.39 -15.13
CA LEU A 101 -15.55 -14.01 -14.12
C LEU A 101 -14.68 -12.90 -14.71
N MET A 102 -14.72 -11.72 -14.10
CA MET A 102 -14.06 -10.53 -14.64
C MET A 102 -13.80 -9.48 -13.57
N ALA A 103 -12.79 -8.64 -13.80
CA ALA A 103 -12.36 -7.66 -12.80
C ALA A 103 -11.79 -6.38 -13.39
N ASP A 104 -12.25 -5.24 -12.88
CA ASP A 104 -11.51 -3.99 -13.05
C ASP A 104 -10.75 -3.66 -11.77
N ASP A 105 -10.24 -2.43 -11.64
CA ASP A 105 -9.40 -2.06 -10.49
C ASP A 105 -10.16 -1.98 -9.17
N ARG A 106 -11.48 -1.78 -9.24
CA ARG A 106 -12.29 -1.61 -8.04
C ARG A 106 -13.21 -2.78 -7.73
N THR A 107 -13.64 -3.51 -8.77
CA THR A 107 -14.57 -4.63 -8.59
C THR A 107 -14.12 -5.88 -9.33
N PHE A 108 -13.97 -6.96 -8.58
CA PHE A 108 -13.76 -8.30 -9.13
C PHE A 108 -15.02 -9.12 -8.82
N LEU A 109 -15.74 -9.52 -9.87
CA LEU A 109 -17.03 -10.19 -9.70
C LEU A 109 -17.13 -11.56 -10.37
N ALA A 110 -17.99 -12.40 -9.80
CA ALA A 110 -18.40 -13.66 -10.42
C ALA A 110 -19.91 -13.62 -10.61
N HIS A 111 -20.36 -13.76 -11.86
CA HIS A 111 -21.77 -13.67 -12.18
C HIS A 111 -22.31 -14.96 -12.81
N ASN A 112 -23.16 -15.65 -12.06
CA ASN A 112 -23.81 -16.87 -12.54
C ASN A 112 -25.03 -16.48 -13.37
N LEU A 113 -24.89 -16.60 -14.69
CA LEU A 113 -25.94 -16.24 -15.63
C LEU A 113 -27.16 -17.17 -15.56
N LYS A 114 -26.95 -18.38 -15.05
CA LYS A 114 -28.02 -19.38 -14.91
C LYS A 114 -29.03 -19.02 -13.82
N ASN A 115 -28.54 -18.68 -12.62
CA ASN A 115 -29.42 -18.39 -11.49
C ASN A 115 -29.51 -16.91 -11.08
N GLY A 116 -28.67 -16.06 -11.69
CA GLY A 116 -28.72 -14.62 -11.43
C GLY A 116 -27.97 -14.14 -10.20
N LYS A 117 -27.27 -15.05 -9.54
CA LYS A 117 -26.46 -14.71 -8.37
C LYS A 117 -25.12 -14.11 -8.79
N MET A 118 -24.67 -13.10 -8.03
CA MET A 118 -23.44 -12.38 -8.33
C MET A 118 -22.64 -12.17 -7.05
N ALA A 119 -21.34 -12.45 -7.11
CA ALA A 119 -20.45 -12.32 -5.96
C ALA A 119 -19.44 -11.19 -6.14
N ASN A 120 -19.15 -10.48 -5.05
CA ASN A 120 -18.06 -9.52 -5.02
C ASN A 120 -16.88 -10.13 -4.29
N ASN A 121 -15.70 -10.03 -4.90
CA ASN A 121 -14.47 -10.60 -4.35
C ASN A 121 -14.16 -10.19 -2.91
N GLN A 122 -14.41 -8.93 -2.57
CA GLN A 122 -14.05 -8.41 -1.25
C GLN A 122 -14.81 -9.08 -0.08
N PRO A 123 -16.15 -9.03 -0.07
CA PRO A 123 -16.83 -9.76 1.00
C PRO A 123 -16.57 -11.27 0.98
N CYS A 124 -16.52 -11.87 -0.21
CA CYS A 124 -16.26 -13.30 -0.35
C CYS A 124 -14.92 -13.72 0.24
N THR A 125 -13.89 -12.91 -0.02
CA THR A 125 -12.55 -13.15 0.53
C THR A 125 -12.56 -12.98 2.05
N GLY A 126 -13.18 -11.91 2.52
CA GLY A 126 -13.28 -11.65 3.96
C GLY A 126 -13.95 -12.78 4.72
N ILE A 127 -15.09 -13.23 4.20
CA ILE A 127 -15.88 -14.29 4.84
C ILE A 127 -15.09 -15.61 4.92
N ILE A 128 -14.52 -16.06 3.80
CA ILE A 128 -13.80 -17.34 3.76
C ILE A 128 -12.57 -17.37 4.68
N TYR A 129 -11.75 -16.31 4.65
CA TYR A 129 -10.56 -16.25 5.48
C TYR A 129 -10.90 -16.17 6.97
N ALA A 130 -11.97 -15.45 7.29
CA ALA A 130 -12.48 -15.39 8.67
C ALA A 130 -13.08 -16.74 9.09
N GLU A 131 -13.78 -17.39 8.15
CA GLU A 131 -14.37 -18.71 8.37
C GLU A 131 -13.29 -19.77 8.65
N ILE A 132 -12.21 -19.73 7.89
CA ILE A 132 -11.08 -20.64 8.09
C ILE A 132 -10.46 -20.45 9.47
N ALA A 133 -10.24 -19.19 9.85
CA ALA A 133 -9.73 -18.85 11.18
C ALA A 133 -10.64 -19.34 12.30
N SER A 134 -11.95 -19.15 12.11
CA SER A 134 -12.96 -19.56 13.09
C SER A 134 -13.06 -21.08 13.29
N ARG A 135 -12.65 -21.83 12.26
CA ARG A 135 -12.73 -23.29 12.31
C ARG A 135 -11.40 -23.96 12.71
N TYR A 136 -10.52 -23.18 13.35
CA TYR A 136 -9.27 -23.70 13.87
C TYR A 136 -9.54 -24.71 14.99
N LEU A 137 -9.12 -25.95 14.76
CA LEU A 137 -9.41 -27.09 15.64
C LEU A 137 -8.83 -26.96 17.05
N LYS A 138 -7.62 -26.41 17.14
CA LYS A 138 -6.89 -26.36 18.41
C LYS A 138 -7.03 -25.02 19.15
N ALA A 139 -8.15 -24.33 18.93
CA ALA A 139 -8.42 -23.07 19.61
C ALA A 139 -9.09 -23.30 20.95
N ASP A 140 -8.52 -22.69 22.00
CA ASP A 140 -8.99 -22.88 23.38
C ASP A 140 -10.12 -21.92 23.78
N SER A 141 -10.18 -20.77 23.12
CA SER A 141 -11.24 -19.78 23.39
C SER A 141 -11.80 -19.21 22.09
N LYS A 142 -12.92 -18.49 22.20
CA LYS A 142 -13.57 -17.88 21.05
C LYS A 142 -13.13 -16.42 20.84
N ASP A 143 -11.92 -16.10 21.30
CA ASP A 143 -11.33 -14.78 21.09
C ASP A 143 -10.68 -14.70 19.73
N VAL A 144 -11.09 -13.70 18.94
CA VAL A 144 -10.52 -13.50 17.61
C VAL A 144 -10.12 -12.02 17.38
N LEU A 145 -8.89 -11.82 16.94
CA LEU A 145 -8.36 -10.50 16.66
C LEU A 145 -8.42 -10.21 15.16
N VAL A 146 -9.08 -9.11 14.80
CA VAL A 146 -9.19 -8.67 13.40
C VAL A 146 -8.40 -7.38 13.20
N VAL A 147 -7.42 -7.41 12.30
CA VAL A 147 -6.64 -6.22 11.95
C VAL A 147 -6.91 -5.87 10.49
N GLY A 148 -7.41 -4.65 10.29
CA GLY A 148 -7.86 -4.22 8.97
C GLY A 148 -9.36 -4.42 8.89
N LEU A 149 -10.10 -3.32 8.83
CA LEU A 149 -11.55 -3.36 8.81
C LEU A 149 -12.13 -2.67 7.58
N GLY A 150 -11.42 -2.79 6.46
CA GLY A 150 -11.87 -2.23 5.19
C GLY A 150 -12.80 -3.15 4.44
N LYS A 151 -12.73 -3.10 3.11
CA LYS A 151 -13.67 -3.81 2.25
C LYS A 151 -13.64 -5.34 2.41
N VAL A 152 -12.49 -5.87 2.82
CA VAL A 152 -12.32 -7.30 3.08
C VAL A 152 -12.52 -7.59 4.57
N GLY A 153 -11.89 -6.77 5.42
CA GLY A 153 -11.88 -6.99 6.87
C GLY A 153 -13.23 -6.84 7.55
N PHE A 154 -13.99 -5.83 7.12
CA PHE A 154 -15.32 -5.56 7.72
C PHE A 154 -16.33 -6.72 7.53
N PRO A 155 -16.49 -7.25 6.29
CA PRO A 155 -17.35 -8.42 6.11
C PRO A 155 -16.87 -9.65 6.89
N GLY A 156 -15.55 -9.81 7.01
CA GLY A 156 -14.95 -10.91 7.76
C GLY A 156 -15.22 -10.79 9.25
N ALA A 157 -15.09 -9.57 9.78
CA ALA A 157 -15.42 -9.28 11.17
C ALA A 157 -16.90 -9.55 11.45
N GLU A 158 -17.77 -9.05 10.56
CA GLU A 158 -19.22 -9.26 10.65
C GLU A 158 -19.57 -10.74 10.68
N HIS A 159 -18.92 -11.52 9.82
CA HIS A 159 -19.11 -12.98 9.76
C HIS A 159 -18.72 -13.67 11.07
N LEU A 160 -17.65 -13.18 11.70
CA LEU A 160 -17.17 -13.70 12.97
C LEU A 160 -18.10 -13.34 14.14
N VAL A 161 -18.65 -12.13 14.11
CA VAL A 161 -19.61 -11.68 15.12
C VAL A 161 -20.90 -12.51 15.03
N GLN A 162 -21.35 -12.74 13.79
CA GLN A 162 -22.56 -13.52 13.53
C GLN A 162 -22.41 -15.00 13.87
N LYS A 163 -21.17 -15.47 13.99
CA LYS A 163 -20.88 -16.83 14.43
C LYS A 163 -20.67 -16.90 15.94
N ASP A 164 -21.10 -15.84 16.64
CA ASP A 164 -20.98 -15.72 18.10
C ASP A 164 -19.54 -15.88 18.62
N PHE A 165 -18.60 -15.23 17.94
CA PHE A 165 -17.22 -15.14 18.39
C PHE A 165 -16.98 -13.81 19.09
N ARG A 166 -16.01 -13.81 20.01
CA ARG A 166 -15.62 -12.60 20.71
C ARG A 166 -14.63 -11.86 19.83
N VAL A 167 -15.10 -10.81 19.16
CA VAL A 167 -14.33 -10.16 18.10
C VAL A 167 -13.65 -8.86 18.52
N TYR A 168 -12.32 -8.87 18.50
CA TYR A 168 -11.51 -7.69 18.76
C TYR A 168 -11.02 -7.12 17.44
N GLY A 169 -11.32 -5.85 17.18
CA GLY A 169 -10.93 -5.21 15.93
C GLY A 169 -9.99 -4.03 16.09
N TYR A 170 -9.04 -3.93 15.17
CA TYR A 170 -8.19 -2.74 15.07
C TYR A 170 -8.01 -2.31 13.62
N ASP A 171 -7.94 -0.99 13.42
CA ASP A 171 -7.65 -0.39 12.13
C ASP A 171 -6.91 0.92 12.37
N ALA A 172 -5.91 1.20 11.53
CA ALA A 172 -5.09 2.42 11.64
C ALA A 172 -5.91 3.69 11.41
N ASP A 173 -6.98 3.57 10.62
CA ASP A 173 -7.95 4.63 10.43
C ASP A 173 -9.02 4.50 11.52
N GLU A 174 -9.02 5.44 12.46
CA GLU A 174 -9.94 5.38 13.61
C GLU A 174 -11.39 5.74 13.26
N THR A 175 -11.59 6.39 12.12
CA THR A 175 -12.94 6.61 11.59
C THR A 175 -13.56 5.24 11.27
N LEU A 176 -12.83 4.43 10.52
CA LEU A 176 -13.26 3.07 10.18
C LEU A 176 -13.36 2.17 11.41
N LEU A 177 -12.48 2.40 12.39
CA LEU A 177 -12.51 1.62 13.63
C LEU A 177 -13.77 1.92 14.46
N GLU A 178 -14.08 3.20 14.64
CA GLU A 178 -15.25 3.62 15.41
C GLU A 178 -16.56 3.34 14.67
N ARG A 179 -16.51 3.34 13.34
CA ARG A 179 -17.66 2.97 12.51
C ARG A 179 -17.90 1.46 12.52
N ALA A 180 -16.84 0.69 12.72
CA ALA A 180 -16.95 -0.76 12.83
C ALA A 180 -17.49 -1.19 14.20
N THR A 181 -16.96 -0.56 15.26
CA THR A 181 -17.35 -0.90 16.64
C THR A 181 -18.83 -0.61 16.92
N SER A 182 -19.34 0.46 16.33
CA SER A 182 -20.75 0.84 16.52
C SER A 182 -21.70 -0.04 15.69
N ASN A 183 -21.30 -0.35 14.46
CA ASN A 183 -22.14 -1.14 13.54
C ASN A 183 -22.11 -2.65 13.80
N LEU A 184 -21.02 -3.13 14.40
CA LEU A 184 -20.83 -4.57 14.63
C LEU A 184 -20.83 -4.98 16.10
N GLY A 185 -20.51 -4.03 16.97
CA GLY A 185 -20.43 -4.31 18.41
C GLY A 185 -19.14 -5.01 18.80
N ILE A 186 -18.10 -4.80 18.00
CA ILE A 186 -16.78 -5.37 18.28
C ILE A 186 -16.05 -4.59 19.36
N ILE A 187 -15.19 -5.28 20.11
CA ILE A 187 -14.36 -4.64 21.13
C ILE A 187 -13.18 -3.97 20.44
N PRO A 188 -13.01 -2.64 20.62
CA PRO A 188 -11.91 -1.93 19.97
C PRO A 188 -10.57 -2.31 20.61
N PHE A 189 -9.71 -2.96 19.83
CA PHE A 189 -8.40 -3.40 20.32
C PHE A 189 -7.44 -2.23 20.50
N ASP A 190 -6.85 -2.15 21.69
CA ASP A 190 -5.86 -1.13 21.99
C ASP A 190 -4.47 -1.79 22.02
N PRO A 191 -3.59 -1.39 21.09
CA PRO A 191 -2.21 -1.90 21.04
C PRO A 191 -1.37 -1.51 22.25
N ALA A 192 -1.81 -0.49 22.99
CA ALA A 192 -1.11 -0.02 24.19
C ALA A 192 -1.10 -1.06 25.31
N ASN A 193 -2.23 -1.75 25.48
CA ASN A 193 -2.33 -2.88 26.41
C ASN A 193 -2.92 -4.12 25.72
N PRO A 194 -2.06 -4.91 25.05
CA PRO A 194 -2.52 -6.03 24.24
C PRO A 194 -2.72 -7.34 25.01
N LYS A 195 -3.41 -8.28 24.38
CA LYS A 195 -3.56 -9.63 24.91
C LYS A 195 -3.25 -10.66 23.82
N LYS A 196 -2.93 -11.89 24.23
CA LYS A 196 -2.57 -12.96 23.31
C LYS A 196 -3.81 -13.57 22.65
N PHE A 197 -3.65 -13.98 21.39
CA PHE A 197 -4.71 -14.61 20.62
C PHE A 197 -4.24 -15.91 19.98
N SER A 198 -5.17 -16.85 19.83
CA SER A 198 -4.91 -18.09 19.09
C SER A 198 -5.52 -18.03 17.69
N ILE A 199 -6.46 -17.10 17.51
CA ILE A 199 -7.11 -16.87 16.20
C ILE A 199 -6.94 -15.40 15.79
N ILE A 200 -6.27 -15.18 14.65
CA ILE A 200 -6.02 -13.84 14.12
C ILE A 200 -6.40 -13.75 12.63
N PHE A 201 -7.18 -12.73 12.29
CA PHE A 201 -7.56 -12.45 10.90
C PHE A 201 -7.08 -11.05 10.48
N GLU A 202 -6.18 -11.00 9.49
CA GLU A 202 -5.61 -9.74 9.01
C GLU A 202 -5.95 -9.47 7.54
N ALA A 203 -6.53 -8.30 7.27
CA ALA A 203 -6.85 -7.90 5.91
C ALA A 203 -6.31 -6.50 5.58
N THR A 204 -4.98 -6.41 5.53
CA THR A 204 -4.27 -5.14 5.37
C THR A 204 -3.17 -5.30 4.31
N PRO A 205 -2.97 -4.26 3.45
CA PRO A 205 -1.92 -4.32 2.43
C PRO A 205 -0.51 -4.05 2.97
N CYS A 206 -0.32 -4.18 4.27
CA CYS A 206 0.95 -3.85 4.89
C CYS A 206 1.60 -5.02 5.62
N ALA A 207 2.92 -4.93 5.79
CA ALA A 207 3.70 -5.89 6.55
C ALA A 207 3.77 -5.47 8.01
N ASN A 208 4.09 -6.42 8.88
CA ASN A 208 4.33 -6.18 10.31
C ASN A 208 3.19 -5.49 11.05
N THR A 209 1.96 -5.90 10.74
CA THR A 209 0.77 -5.31 11.38
C THR A 209 0.38 -6.06 12.66
N ILE A 210 0.85 -7.30 12.79
CA ILE A 210 0.60 -8.11 13.97
C ILE A 210 1.84 -8.09 14.87
N PRO A 211 1.72 -7.49 16.07
CA PRO A 211 2.88 -7.42 16.98
C PRO A 211 3.09 -8.74 17.73
N GLU A 212 4.29 -8.93 18.25
CA GLU A 212 4.65 -10.12 19.01
C GLU A 212 3.81 -10.32 20.27
N ALA A 213 3.43 -9.20 20.90
CA ALA A 213 2.63 -9.22 22.12
C ALA A 213 1.20 -9.76 21.94
N VAL A 214 0.81 -9.98 20.68
CA VAL A 214 -0.51 -10.50 20.32
C VAL A 214 -0.47 -12.01 20.11
N LEU A 215 0.72 -12.55 19.87
CA LEU A 215 0.89 -13.94 19.48
C LEU A 215 0.96 -14.93 20.65
N SER A 216 0.39 -16.11 20.42
CA SER A 216 0.55 -17.28 21.28
C SER A 216 1.04 -18.43 20.42
N GLU A 217 1.84 -19.32 20.99
CA GLU A 217 2.44 -20.43 20.22
C GLU A 217 1.37 -21.25 19.49
N ASN A 218 1.67 -21.60 18.24
CA ASN A 218 0.76 -22.36 17.37
C ASN A 218 -0.51 -21.62 16.93
N CYS A 219 -0.50 -20.29 17.02
CA CYS A 219 -1.68 -19.49 16.67
C CYS A 219 -1.95 -19.48 15.16
N VAL A 220 -3.20 -19.22 14.81
CA VAL A 220 -3.61 -19.14 13.40
C VAL A 220 -3.62 -17.69 12.93
N LEU A 221 -2.90 -17.45 11.85
CA LEU A 221 -2.94 -16.17 11.15
C LEU A 221 -3.54 -16.39 9.76
N SER A 222 -4.80 -16.00 9.62
CA SER A 222 -5.49 -16.09 8.34
C SER A 222 -5.49 -14.72 7.68
N THR A 223 -4.77 -14.59 6.58
CA THR A 223 -4.60 -13.29 5.93
C THR A 223 -4.59 -13.35 4.39
N PRO A 224 -5.57 -12.67 3.75
CA PRO A 224 -5.52 -12.49 2.30
C PRO A 224 -4.56 -11.38 1.88
N GLY A 225 -4.22 -10.49 2.81
CA GLY A 225 -3.39 -9.31 2.54
C GLY A 225 -2.04 -9.61 1.92
N ILE A 226 -1.50 -8.61 1.21
CA ILE A 226 -0.17 -8.67 0.59
C ILE A 226 0.67 -7.51 1.14
N PRO A 227 1.87 -7.79 1.68
CA PRO A 227 2.56 -9.09 1.75
C PRO A 227 2.16 -9.91 2.97
N CYS A 228 3.08 -10.08 3.93
CA CYS A 228 2.79 -10.89 5.11
C CYS A 228 2.74 -10.05 6.38
N ALA A 229 1.61 -10.16 7.09
CA ALA A 229 1.34 -9.40 8.31
C ALA A 229 2.34 -9.63 9.42
N ILE A 230 3.14 -10.69 9.29
CA ILE A 230 4.09 -11.10 10.30
C ILE A 230 5.46 -11.36 9.67
N SER A 231 6.53 -11.08 10.41
CA SER A 231 7.88 -11.31 9.92
C SER A 231 8.21 -12.80 9.90
N GLU A 232 9.20 -13.17 9.09
CA GLU A 232 9.68 -14.54 8.98
C GLU A 232 10.13 -15.11 10.33
N GLU A 233 10.81 -14.28 11.11
CA GLU A 233 11.31 -14.65 12.44
C GLU A 233 10.18 -14.89 13.44
N LEU A 234 9.24 -13.95 13.51
CA LEU A 234 8.08 -14.06 14.42
C LEU A 234 7.16 -15.22 14.06
N ARG A 235 7.22 -15.64 12.80
CA ARG A 235 6.47 -16.80 12.32
C ARG A 235 7.11 -18.11 12.82
N ASP A 236 8.44 -18.14 12.82
CA ASP A 236 9.20 -19.30 13.31
C ASP A 236 9.20 -19.37 14.83
N LYS A 237 9.37 -18.21 15.47
CA LYS A 237 9.40 -18.07 16.93
C LYS A 237 8.16 -18.67 17.60
N TYR A 238 7.00 -18.45 17.00
CA TYR A 238 5.73 -18.88 17.58
C TYR A 238 5.08 -20.03 16.81
N GLU A 239 5.81 -20.59 15.84
CA GLU A 239 5.29 -21.63 14.94
C GLU A 239 3.86 -21.30 14.49
N VAL A 240 3.73 -20.14 13.84
CA VAL A 240 2.43 -19.61 13.45
C VAL A 240 1.87 -20.39 12.27
N GLN A 241 0.63 -20.89 12.43
CA GLN A 241 -0.06 -21.59 11.37
C GLN A 241 -0.70 -20.59 10.41
N LEU A 242 -0.07 -20.47 9.24
CA LEU A 242 -0.32 -19.36 8.32
C LEU A 242 -1.22 -19.78 7.16
N ILE A 243 -2.30 -19.02 6.96
CA ILE A 243 -3.18 -19.21 5.80
C ILE A 243 -3.11 -17.93 4.95
N ALA A 244 -2.30 -17.96 3.91
CA ALA A 244 -2.12 -16.82 3.02
C ALA A 244 -1.90 -17.27 1.58
N GLU A 245 -2.75 -16.76 0.68
CA GLU A 245 -2.76 -17.15 -0.72
C GLU A 245 -3.38 -16.01 -1.53
N PRO A 246 -2.74 -15.64 -2.66
CA PRO A 246 -3.02 -14.37 -3.36
C PRO A 246 -4.35 -14.23 -4.13
N LEU A 247 -5.01 -15.34 -4.50
CA LEU A 247 -6.18 -15.24 -5.38
C LEU A 247 -7.19 -16.40 -5.27
N GLY A 248 -6.67 -17.63 -5.22
CA GLY A 248 -7.47 -18.84 -5.32
C GLY A 248 -8.58 -19.06 -4.31
N ILE A 249 -8.26 -18.80 -3.03
CA ILE A 249 -9.21 -19.00 -1.94
C ILE A 249 -10.42 -18.07 -2.05
N GLY A 250 -10.16 -16.78 -2.27
CA GLY A 250 -11.20 -15.79 -2.47
C GLY A 250 -12.02 -16.06 -3.72
N THR A 251 -11.36 -16.51 -4.79
CA THR A 251 -12.04 -16.90 -6.03
C THR A 251 -12.94 -18.13 -5.80
N ALA A 252 -12.46 -19.11 -5.05
CA ALA A 252 -13.26 -20.28 -4.67
C ALA A 252 -14.49 -19.88 -3.87
N SER A 253 -14.31 -18.92 -2.97
CA SER A 253 -15.41 -18.38 -2.18
C SER A 253 -16.48 -17.73 -3.05
N MET A 254 -16.04 -16.93 -4.05
CA MET A 254 -16.94 -16.27 -5.00
C MET A 254 -17.74 -17.28 -5.83
N LEU A 255 -17.04 -18.29 -6.34
CA LEU A 255 -17.63 -19.28 -7.22
C LEU A 255 -18.66 -20.12 -6.51
N TYR A 256 -18.29 -20.68 -5.35
CA TYR A 256 -19.22 -21.47 -4.55
C TYR A 256 -20.36 -20.65 -3.98
N SER A 257 -20.16 -19.34 -3.81
CA SER A 257 -21.22 -18.46 -3.33
C SER A 257 -22.33 -18.22 -4.36
N VAL A 258 -22.06 -18.48 -5.64
CA VAL A 258 -23.06 -18.27 -6.70
C VAL A 258 -23.65 -19.58 -7.26
N LEU A 259 -23.18 -20.72 -6.76
CA LEU A 259 -23.64 -22.03 -7.23
C LEU A 259 -25.04 -22.40 -6.73
N MET B 1 -1.51 1.74 -5.93
CA MET B 1 -0.25 1.06 -5.51
C MET B 1 0.75 2.10 -5.06
N ALA B 2 0.41 2.79 -3.98
CA ALA B 2 1.16 3.94 -3.45
C ALA B 2 1.12 5.17 -4.37
N LEU B 3 0.03 5.31 -5.11
CA LEU B 3 -0.24 6.53 -5.90
C LEU B 3 -1.09 7.49 -5.08
N LEU B 4 -0.96 8.79 -5.37
CA LEU B 4 -1.79 9.81 -4.75
C LEU B 4 -3.27 9.62 -5.05
N THR B 5 -4.11 10.04 -4.12
CA THR B 5 -5.56 10.07 -4.33
C THR B 5 -5.99 11.52 -4.20
N PRO B 6 -7.13 11.90 -4.82
CA PRO B 6 -7.54 13.29 -4.77
C PRO B 6 -7.66 13.85 -3.34
N ASP B 7 -8.07 13.02 -2.39
CA ASP B 7 -8.18 13.46 -0.99
C ASP B 7 -6.83 13.79 -0.32
N ASP B 8 -5.75 13.16 -0.76
CA ASP B 8 -4.40 13.47 -0.27
C ASP B 8 -3.98 14.92 -0.55
N LEU B 9 -4.65 15.54 -1.52
CA LEU B 9 -4.24 16.82 -2.08
C LEU B 9 -5.18 17.99 -1.76
N ILE B 10 -6.18 17.75 -0.91
CA ILE B 10 -7.10 18.80 -0.48
C ILE B 10 -6.31 19.94 0.16
N ASN B 11 -6.64 21.17 -0.22
CA ASN B 11 -5.99 22.38 0.30
C ASN B 11 -4.46 22.29 0.31
N ILE B 12 -3.90 22.00 -0.87
CA ILE B 12 -2.46 21.84 -1.02
C ILE B 12 -1.67 23.05 -0.51
N ASN B 13 -2.22 24.26 -0.69
CA ASN B 13 -1.56 25.48 -0.22
C ASN B 13 -1.38 25.50 1.30
N MET B 14 -2.39 25.03 2.04
CA MET B 14 -2.29 24.98 3.51
C MET B 14 -1.29 23.92 3.95
N GLN B 15 -1.43 22.73 3.37
CA GLN B 15 -0.49 21.64 3.62
C GLN B 15 0.95 22.10 3.40
N LEU B 16 1.20 22.81 2.30
CA LEU B 16 2.54 23.29 1.97
C LEU B 16 3.00 24.38 2.93
N GLN B 17 2.11 25.35 3.18
CA GLN B 17 2.39 26.36 4.20
C GLN B 17 2.79 25.72 5.54
N LYS B 18 2.05 24.71 5.97
CA LYS B 18 2.32 24.06 7.26
C LYS B 18 3.63 23.27 7.27
N ALA B 19 3.93 22.59 6.17
CA ALA B 19 5.20 21.90 6.04
C ALA B 19 6.38 22.87 6.04
N ASP B 20 6.22 23.99 5.34
CA ASP B 20 7.27 25.01 5.23
C ASP B 20 7.62 25.59 6.61
N SER B 21 6.60 25.91 7.40
CA SER B 21 6.79 26.35 8.78
C SER B 21 7.50 25.30 9.66
N ALA B 22 7.13 24.03 9.47
CA ALA B 22 7.79 22.95 10.18
C ALA B 22 9.28 22.84 9.78
N VAL B 23 9.56 22.86 8.48
CA VAL B 23 10.95 22.84 7.98
C VAL B 23 11.78 23.99 8.56
N GLN B 24 11.20 25.18 8.64
CA GLN B 24 11.87 26.35 9.18
C GLN B 24 12.19 26.21 10.67
N GLU B 25 11.24 25.63 11.39
CA GLU B 25 11.37 25.38 12.82
C GLU B 25 12.53 24.39 13.07
N VAL B 26 12.46 23.27 12.36
CA VAL B 26 13.44 22.19 12.49
C VAL B 26 14.84 22.59 12.04
N THR B 27 14.93 23.29 10.90
CA THR B 27 16.20 23.45 10.19
C THR B 27 16.78 24.85 10.18
N GLY B 28 15.94 25.86 10.42
CA GLY B 28 16.37 27.25 10.30
C GLY B 28 16.22 27.78 8.87
N LEU B 29 15.94 26.89 7.95
CA LEU B 29 15.75 27.23 6.55
C LEU B 29 14.32 26.96 6.11
N ASP B 30 13.83 27.74 5.14
CA ASP B 30 12.57 27.36 4.50
C ASP B 30 12.83 26.35 3.38
N ILE B 31 11.78 25.87 2.74
CA ILE B 31 11.94 24.87 1.67
C ILE B 31 12.83 25.41 0.54
N LYS B 32 12.64 26.68 0.16
CA LYS B 32 13.50 27.35 -0.82
C LYS B 32 14.96 27.30 -0.40
N GLY B 33 15.20 27.54 0.89
CA GLY B 33 16.56 27.54 1.44
C GLY B 33 17.19 26.16 1.42
N ILE B 34 16.37 25.15 1.75
CA ILE B 34 16.81 23.76 1.68
C ILE B 34 17.19 23.42 0.23
N CYS B 35 16.35 23.86 -0.71
CA CYS B 35 16.64 23.62 -2.13
C CYS B 35 17.92 24.32 -2.56
N LYS B 36 18.11 25.55 -2.09
CA LYS B 36 19.35 26.29 -2.31
C LYS B 36 20.57 25.56 -1.74
N ALA B 37 20.41 24.98 -0.55
CA ALA B 37 21.47 24.23 0.10
C ALA B 37 21.90 23.03 -0.75
N LEU B 38 20.92 22.30 -1.28
CA LEU B 38 21.17 21.09 -2.06
C LEU B 38 21.72 21.37 -3.45
N TYR B 39 21.17 22.39 -4.11
CA TYR B 39 21.39 22.56 -5.54
C TYR B 39 22.04 23.89 -5.95
N GLY B 40 22.09 24.85 -5.02
CA GLY B 40 22.75 26.14 -5.23
C GLY B 40 22.03 27.08 -6.19
N THR B 41 20.70 27.03 -6.15
CA THR B 41 19.90 27.46 -7.28
C THR B 41 18.65 28.20 -6.76
N PHE B 42 18.07 29.10 -7.57
CA PHE B 42 16.89 29.88 -7.16
C PHE B 42 15.94 30.11 -8.34
N SER B 43 14.65 30.32 -8.06
CA SER B 43 13.66 30.49 -9.14
C SER B 43 13.68 31.93 -9.70
N SER B 44 13.42 32.03 -11.00
CA SER B 44 13.35 33.33 -11.68
C SER B 44 12.19 33.33 -12.68
N SER B 45 10.99 33.01 -12.18
CA SER B 45 9.76 32.97 -12.99
C SER B 45 9.88 32.13 -14.27
N GLU B 46 10.65 31.04 -14.19
CA GLU B 46 10.78 30.12 -15.32
C GLU B 46 9.39 29.61 -15.70
N LYS B 47 9.13 29.51 -16.99
CA LYS B 47 7.82 29.06 -17.45
C LYS B 47 7.70 27.54 -17.33
N VAL B 48 6.75 27.08 -16.50
CA VAL B 48 6.55 25.66 -16.25
C VAL B 48 5.24 25.17 -16.86
N GLY B 49 5.38 24.29 -17.85
CA GLY B 49 4.25 23.66 -18.49
C GLY B 49 3.92 22.33 -17.85
N ILE B 50 2.72 22.24 -17.29
CA ILE B 50 2.26 21.06 -16.58
C ILE B 50 1.30 20.28 -17.44
N VAL B 51 1.66 19.03 -17.72
CA VAL B 51 0.93 18.22 -18.69
C VAL B 51 0.16 17.05 -18.07
N PRO B 52 -1.19 17.14 -18.10
CA PRO B 52 -1.98 16.04 -17.56
C PRO B 52 -1.77 14.79 -18.39
N VAL B 53 -1.73 13.64 -17.72
CA VAL B 53 -1.43 12.36 -18.37
C VAL B 53 -2.50 11.29 -18.07
N THR B 54 -3.00 10.64 -19.12
CA THR B 54 -4.11 9.69 -18.98
C THR B 54 -3.65 8.23 -18.97
N SER B 55 -2.33 8.03 -19.09
CA SER B 55 -1.69 6.71 -19.02
C SER B 55 -2.04 5.95 -17.73
N GLY B 56 -2.01 4.62 -17.82
CA GLY B 56 -2.22 3.73 -16.67
C GLY B 56 -3.53 3.97 -15.94
N ASN B 57 -3.43 4.27 -14.65
CA ASN B 57 -4.59 4.54 -13.81
C ASN B 57 -5.27 5.85 -14.19
N GLY B 58 -4.58 6.65 -15.02
CA GLY B 58 -5.16 7.84 -15.60
C GLY B 58 -4.93 9.11 -14.78
N ILE B 59 -5.64 10.16 -15.18
CA ILE B 59 -5.59 11.44 -14.51
C ILE B 59 -6.06 11.30 -13.07
N ILE B 60 -5.29 11.85 -12.13
CA ILE B 60 -5.67 11.85 -10.72
C ILE B 60 -6.25 13.20 -10.34
N GLY B 61 -7.47 13.20 -9.81
CA GLY B 61 -8.14 14.43 -9.37
C GLY B 61 -7.23 15.23 -8.47
N ASN B 62 -7.22 16.54 -8.68
CA ASN B 62 -6.41 17.49 -7.92
C ASN B 62 -4.92 17.55 -8.29
N PHE B 63 -4.41 16.56 -9.03
CA PHE B 63 -2.98 16.46 -9.32
C PHE B 63 -2.39 17.64 -10.08
N SER B 64 -2.90 17.93 -11.29
CA SER B 64 -2.38 19.08 -12.03
C SER B 64 -2.70 20.40 -11.32
N ALA B 65 -3.89 20.51 -10.76
CA ALA B 65 -4.25 21.71 -9.98
C ALA B 65 -3.27 21.93 -8.82
N SER B 66 -2.87 20.85 -8.15
CA SER B 66 -1.89 20.93 -7.06
C SER B 66 -0.53 21.38 -7.58
N LEU B 67 -0.09 20.76 -8.68
CA LEU B 67 1.18 21.15 -9.29
C LEU B 67 1.16 22.62 -9.72
N HIS B 68 0.00 23.09 -10.18
CA HIS B 68 -0.21 24.49 -10.54
C HIS B 68 0.09 25.38 -9.32
N ALA B 69 -0.57 25.08 -8.20
CA ALA B 69 -0.40 25.85 -6.96
C ALA B 69 1.03 25.79 -6.39
N ILE B 70 1.64 24.61 -6.44
CA ILE B 70 3.00 24.37 -5.90
C ILE B 70 4.06 25.18 -6.65
N THR B 71 3.99 25.13 -7.97
CA THR B 71 4.93 25.86 -8.79
C THR B 71 4.80 27.39 -8.61
N GLN B 72 3.57 27.87 -8.50
CA GLN B 72 3.29 29.28 -8.22
C GLN B 72 3.85 29.67 -6.84
N TYR B 73 3.63 28.80 -5.88
CA TYR B 73 4.13 29.02 -4.52
C TYR B 73 5.66 29.23 -4.47
N PHE B 74 6.39 28.49 -5.29
CA PHE B 74 7.85 28.58 -5.33
C PHE B 74 8.40 29.58 -6.35
N GLY B 75 7.51 30.37 -6.95
CA GLY B 75 7.93 31.52 -7.77
C GLY B 75 8.01 31.28 -9.26
N PHE B 76 7.52 30.13 -9.73
CA PHE B 76 7.55 29.82 -11.16
C PHE B 76 6.34 30.34 -11.91
N ASP B 77 6.52 30.60 -13.21
CA ASP B 77 5.43 30.99 -14.08
C ASP B 77 4.84 29.73 -14.73
N SER B 78 3.88 29.14 -14.03
CA SER B 78 3.35 27.84 -14.43
C SER B 78 1.98 27.93 -15.10
N PHE B 79 1.67 26.91 -15.89
CA PHE B 79 0.34 26.76 -16.48
C PHE B 79 0.08 25.27 -16.68
N VAL B 80 -1.20 24.91 -16.77
CA VAL B 80 -1.60 23.54 -17.05
C VAL B 80 -2.20 23.55 -18.45
N THR B 81 -1.82 22.59 -19.28
CA THR B 81 -2.35 22.52 -20.65
C THR B 81 -3.79 21.98 -20.70
N ASP B 82 -4.56 22.41 -21.71
CA ASP B 82 -5.92 21.91 -21.90
C ASP B 82 -5.91 20.44 -22.32
N MET B 83 -5.04 20.11 -23.27
CA MET B 83 -4.93 18.75 -23.77
C MET B 83 -4.04 17.91 -22.87
N PRO B 84 -4.34 16.61 -22.71
CA PRO B 84 -3.41 15.72 -22.01
C PRO B 84 -2.39 15.05 -22.95
N ASP B 85 -1.46 14.29 -22.37
CA ASP B 85 -0.55 13.42 -23.14
C ASP B 85 0.33 14.13 -24.18
N VAL B 86 0.46 13.53 -25.36
CA VAL B 86 1.31 14.10 -26.42
C VAL B 86 0.74 15.43 -26.93
N SER B 87 -0.57 15.49 -27.13
CA SER B 87 -1.24 16.73 -27.50
C SER B 87 -0.96 17.86 -26.50
N GLY B 88 -0.95 17.50 -25.20
CA GLY B 88 -0.63 18.44 -24.14
C GLY B 88 0.83 18.87 -24.13
N TYR B 89 1.73 17.91 -24.31
CA TYR B 89 3.14 18.23 -24.41
C TYR B 89 3.39 19.22 -25.57
N TYR B 90 2.77 18.96 -26.71
CA TYR B 90 2.81 19.88 -27.85
C TYR B 90 2.36 21.29 -27.43
N GLU B 91 1.19 21.36 -26.80
CA GLU B 91 0.59 22.61 -26.32
C GLU B 91 1.57 23.37 -25.41
N ALA B 92 2.19 22.65 -24.48
CA ALA B 92 3.11 23.25 -23.52
C ALA B 92 4.36 23.85 -24.19
N VAL B 93 4.97 23.10 -25.10
CA VAL B 93 6.16 23.60 -25.80
C VAL B 93 5.80 24.81 -26.67
N GLN B 94 4.66 24.71 -27.34
CA GLN B 94 4.21 25.75 -28.26
C GLN B 94 3.84 27.01 -27.49
N ASN B 95 3.34 26.84 -26.27
CA ASN B 95 3.04 28.00 -25.43
C ASN B 95 4.22 28.50 -24.59
N GLY B 96 5.43 28.08 -24.96
CA GLY B 96 6.66 28.64 -24.40
C GLY B 96 7.18 28.06 -23.10
N ALA B 97 6.70 26.88 -22.71
CA ALA B 97 7.22 26.18 -21.52
C ALA B 97 8.74 26.07 -21.59
N GLU B 98 9.40 26.35 -20.48
CA GLU B 98 10.84 26.19 -20.39
C GLU B 98 11.18 24.91 -19.62
N ILE B 99 10.31 24.52 -18.70
CA ILE B 99 10.41 23.26 -17.96
C ILE B 99 9.09 22.49 -18.12
N ILE B 100 9.19 21.21 -18.48
CA ILE B 100 8.02 20.33 -18.55
C ILE B 100 7.89 19.54 -17.26
N LEU B 101 6.67 19.52 -16.74
CA LEU B 101 6.37 18.79 -15.53
C LEU B 101 5.22 17.83 -15.86
N MET B 102 5.48 16.53 -15.71
CA MET B 102 4.48 15.50 -16.04
C MET B 102 4.78 14.15 -15.41
N ALA B 103 3.73 13.36 -15.18
CA ALA B 103 3.85 12.08 -14.49
C ALA B 103 2.93 11.01 -15.07
N ASP B 104 3.49 9.81 -15.31
CA ASP B 104 2.65 8.62 -15.43
C ASP B 104 2.65 7.84 -14.09
N ASP B 105 2.21 6.59 -14.09
CA ASP B 105 2.08 5.82 -12.84
C ASP B 105 3.43 5.40 -12.26
N ARG B 106 4.47 5.41 -13.09
CA ARG B 106 5.78 4.91 -12.70
C ARG B 106 6.86 5.98 -12.65
N THR B 107 6.65 7.10 -13.34
CA THR B 107 7.63 8.19 -13.39
C THR B 107 6.97 9.56 -13.35
N PHE B 108 7.33 10.38 -12.36
CA PHE B 108 6.96 11.78 -12.30
C PHE B 108 8.23 12.59 -12.58
N LEU B 109 8.27 13.35 -13.68
CA LEU B 109 9.51 14.01 -14.09
C LEU B 109 9.45 15.54 -14.26
N ALA B 110 10.61 16.17 -14.12
CA ALA B 110 10.76 17.56 -14.52
C ALA B 110 11.90 17.66 -15.53
N HIS B 111 11.60 18.18 -16.72
CA HIS B 111 12.60 18.35 -17.78
C HIS B 111 12.79 19.82 -18.15
N ASN B 112 13.99 20.35 -17.88
CA ASN B 112 14.35 21.72 -18.22
C ASN B 112 14.85 21.76 -19.67
N LEU B 113 14.07 22.38 -20.53
CA LEU B 113 14.39 22.40 -21.96
C LEU B 113 15.53 23.34 -22.30
N LYS B 114 15.79 24.30 -21.41
CA LYS B 114 16.83 25.31 -21.65
C LYS B 114 18.24 24.73 -21.53
N ASN B 115 18.43 23.81 -20.58
CA ASN B 115 19.76 23.28 -20.29
C ASN B 115 19.88 21.75 -20.37
N GLY B 116 18.77 21.07 -20.66
CA GLY B 116 18.77 19.61 -20.81
C GLY B 116 18.64 18.80 -19.54
N LYS B 117 18.60 19.46 -18.38
CA LYS B 117 18.55 18.75 -17.10
C LYS B 117 17.18 18.15 -16.82
N MET B 118 17.19 16.94 -16.26
CA MET B 118 15.95 16.21 -15.97
C MET B 118 16.01 15.58 -14.57
N ALA B 119 14.89 15.68 -13.85
CA ALA B 119 14.77 15.17 -12.50
C ALA B 119 13.70 14.08 -12.43
N ASN B 120 13.97 13.06 -11.62
CA ASN B 120 13.00 12.02 -11.28
C ASN B 120 12.51 12.29 -9.85
N ASN B 121 11.18 12.27 -9.68
CA ASN B 121 10.55 12.52 -8.36
C ASN B 121 11.05 11.63 -7.21
N GLN B 122 11.37 10.38 -7.50
CA GLN B 122 11.73 9.46 -6.42
C GLN B 122 13.05 9.80 -5.71
N PRO B 123 14.17 9.90 -6.45
CA PRO B 123 15.39 10.32 -5.71
C PRO B 123 15.33 11.76 -5.20
N CYS B 124 14.67 12.66 -5.92
CA CYS B 124 14.53 14.06 -5.51
C CYS B 124 13.77 14.21 -4.19
N THR B 125 12.72 13.40 -4.03
CA THR B 125 11.91 13.38 -2.81
C THR B 125 12.72 12.81 -1.65
N GLY B 126 13.34 11.64 -1.86
CA GLY B 126 14.14 11.02 -0.80
C GLY B 126 15.27 11.91 -0.32
N ILE B 127 15.97 12.53 -1.27
CA ILE B 127 17.09 13.43 -0.96
C ILE B 127 16.64 14.60 -0.08
N ILE B 128 15.59 15.30 -0.49
CA ILE B 128 15.17 16.51 0.24
C ILE B 128 14.63 16.16 1.63
N TYR B 129 13.84 15.08 1.73
CA TYR B 129 13.32 14.69 3.04
C TYR B 129 14.44 14.25 3.98
N ALA B 130 15.41 13.52 3.44
CA ALA B 130 16.62 13.15 4.20
C ALA B 130 17.46 14.39 4.58
N GLU B 131 17.59 15.33 3.65
CA GLU B 131 18.32 16.57 3.91
C GLU B 131 17.68 17.37 5.05
N ILE B 132 16.37 17.54 4.98
CA ILE B 132 15.61 18.20 6.06
C ILE B 132 15.88 17.53 7.42
N ALA B 133 15.79 16.20 7.45
CA ALA B 133 16.10 15.44 8.69
C ALA B 133 17.51 15.71 9.19
N SER B 134 18.49 15.65 8.28
CA SER B 134 19.91 15.86 8.60
C SER B 134 20.25 17.26 9.15
N ARG B 135 19.36 18.22 8.94
CA ARG B 135 19.61 19.61 9.32
C ARG B 135 18.86 20.03 10.59
N TYR B 136 18.32 19.04 11.31
CA TYR B 136 17.65 19.30 12.59
C TYR B 136 18.64 19.99 13.54
N LEU B 137 18.28 21.19 13.97
CA LEU B 137 19.17 22.09 14.71
C LEU B 137 19.56 21.58 16.10
N LYS B 138 18.68 20.83 16.74
CA LYS B 138 18.91 20.39 18.12
C LYS B 138 19.36 18.93 18.24
N ALA B 139 19.62 18.29 17.10
CA ALA B 139 20.12 16.92 17.06
C ALA B 139 21.49 16.78 17.72
N ASP B 140 21.65 15.73 18.52
CA ASP B 140 22.81 15.55 19.38
C ASP B 140 24.02 15.02 18.61
N SER B 141 23.75 14.24 17.57
CA SER B 141 24.80 13.56 16.80
C SER B 141 24.28 13.20 15.42
N LYS B 142 25.18 12.75 14.56
CA LYS B 142 24.83 12.37 13.19
C LYS B 142 24.39 10.91 13.12
N ASP B 143 23.21 10.66 13.70
CA ASP B 143 22.60 9.35 13.82
C ASP B 143 21.17 9.48 13.32
N VAL B 144 20.81 8.68 12.33
CA VAL B 144 19.48 8.76 11.73
C VAL B 144 18.88 7.37 11.52
N LEU B 145 17.60 7.23 11.88
CA LEU B 145 16.84 6.02 11.62
C LEU B 145 16.12 6.16 10.27
N VAL B 146 16.33 5.20 9.36
CA VAL B 146 15.61 5.20 8.10
C VAL B 146 14.70 3.97 8.01
N VAL B 147 13.39 4.21 7.95
CA VAL B 147 12.42 3.13 7.76
C VAL B 147 11.84 3.22 6.35
N GLY B 148 12.11 2.21 5.54
CA GLY B 148 11.70 2.18 4.13
C GLY B 148 12.89 2.47 3.24
N LEU B 149 13.32 1.45 2.49
CA LEU B 149 14.52 1.57 1.66
C LEU B 149 14.24 1.31 0.17
N GLY B 150 13.11 1.81 -0.29
CA GLY B 150 12.66 1.64 -1.68
C GLY B 150 13.11 2.75 -2.60
N LYS B 151 12.31 3.07 -3.62
CA LYS B 151 12.71 4.07 -4.61
C LYS B 151 12.90 5.47 -4.04
N VAL B 152 12.20 5.78 -2.95
CA VAL B 152 12.39 7.05 -2.25
C VAL B 152 13.41 6.89 -1.13
N GLY B 153 13.21 5.85 -0.30
CA GLY B 153 14.02 5.64 0.90
C GLY B 153 15.49 5.37 0.64
N PHE B 154 15.78 4.58 -0.38
CA PHE B 154 17.17 4.24 -0.70
C PHE B 154 18.04 5.46 -1.08
N PRO B 155 17.58 6.32 -2.02
CA PRO B 155 18.44 7.49 -2.31
C PRO B 155 18.56 8.48 -1.14
N GLY B 156 17.52 8.54 -0.31
CA GLY B 156 17.54 9.36 0.90
C GLY B 156 18.59 8.86 1.87
N ALA B 157 18.61 7.56 2.09
CA ALA B 157 19.59 6.91 2.94
C ALA B 157 21.01 7.10 2.38
N GLU B 158 21.14 6.93 1.07
CA GLU B 158 22.42 7.13 0.39
C GLU B 158 22.96 8.56 0.60
N HIS B 159 22.05 9.54 0.52
CA HIS B 159 22.38 10.94 0.75
C HIS B 159 22.90 11.15 2.18
N LEU B 160 22.26 10.51 3.14
CA LEU B 160 22.66 10.62 4.55
C LEU B 160 24.03 9.98 4.79
N VAL B 161 24.27 8.82 4.20
CA VAL B 161 25.60 8.18 4.22
C VAL B 161 26.67 9.12 3.62
N GLN B 162 26.32 9.78 2.52
CA GLN B 162 27.22 10.74 1.87
C GLN B 162 27.49 11.97 2.75
N LYS B 163 26.56 12.27 3.66
CA LYS B 163 26.75 13.36 4.60
C LYS B 163 27.40 12.90 5.91
N ASP B 164 27.97 11.70 5.89
CA ASP B 164 28.73 11.13 7.04
C ASP B 164 27.89 10.88 8.29
N PHE B 165 26.61 10.57 8.09
CA PHE B 165 25.74 10.11 9.18
C PHE B 165 25.90 8.62 9.35
N ARG B 166 25.79 8.15 10.58
CA ARG B 166 25.54 6.73 10.76
C ARG B 166 24.04 6.49 10.54
N VAL B 167 23.75 5.63 9.57
CA VAL B 167 22.40 5.42 9.10
C VAL B 167 21.92 4.04 9.53
N TYR B 168 20.86 4.05 10.33
CA TYR B 168 20.26 2.82 10.83
C TYR B 168 19.03 2.55 9.98
N GLY B 169 19.11 1.51 9.15
CA GLY B 169 18.06 1.24 8.18
C GLY B 169 17.25 0.00 8.53
N TYR B 170 15.95 0.09 8.28
CA TYR B 170 15.06 -1.06 8.35
C TYR B 170 14.08 -1.07 7.19
N ASP B 171 13.94 -2.23 6.56
CA ASP B 171 12.89 -2.46 5.58
C ASP B 171 12.28 -3.84 5.84
N ALA B 172 10.96 -3.96 5.72
CA ALA B 172 10.26 -5.22 5.95
C ALA B 172 10.58 -6.28 4.90
N ASP B 173 11.05 -5.84 3.73
CA ASP B 173 11.57 -6.74 2.70
C ASP B 173 13.04 -7.01 3.03
N GLU B 174 13.33 -8.24 3.44
CA GLU B 174 14.67 -8.66 3.86
C GLU B 174 15.74 -8.51 2.77
N THR B 175 15.36 -8.81 1.53
CA THR B 175 16.27 -8.72 0.39
C THR B 175 16.68 -7.27 0.12
N LEU B 176 15.73 -6.34 0.25
CA LEU B 176 16.04 -4.92 0.10
C LEU B 176 16.96 -4.45 1.22
N LEU B 177 16.63 -4.79 2.46
CA LEU B 177 17.45 -4.41 3.60
C LEU B 177 18.89 -4.89 3.44
N GLU B 178 19.06 -6.17 3.11
CA GLU B 178 20.37 -6.75 2.87
C GLU B 178 21.12 -6.06 1.71
N ARG B 179 20.42 -5.77 0.62
CA ARG B 179 21.01 -5.04 -0.51
C ARG B 179 21.42 -3.60 -0.14
N ALA B 180 20.58 -2.92 0.64
CA ALA B 180 20.91 -1.57 1.12
C ALA B 180 22.13 -1.56 2.05
N THR B 181 22.26 -2.60 2.88
CA THR B 181 23.38 -2.68 3.82
C THR B 181 24.71 -2.95 3.13
N SER B 182 24.71 -3.75 2.06
CA SER B 182 25.93 -4.08 1.33
C SER B 182 26.30 -3.05 0.26
N ASN B 183 25.31 -2.39 -0.33
CA ASN B 183 25.58 -1.33 -1.30
C ASN B 183 25.99 -0.02 -0.64
N LEU B 184 25.35 0.30 0.49
CA LEU B 184 25.50 1.61 1.14
C LEU B 184 26.31 1.58 2.44
N GLY B 185 26.40 0.43 3.08
CA GLY B 185 27.12 0.31 4.36
C GLY B 185 26.32 0.78 5.56
N ILE B 186 25.00 0.87 5.41
CA ILE B 186 24.12 1.27 6.51
C ILE B 186 24.08 0.22 7.63
N ILE B 187 23.77 0.65 8.85
CA ILE B 187 23.62 -0.26 9.98
C ILE B 187 22.23 -0.90 9.97
N PRO B 188 22.16 -2.23 9.82
CA PRO B 188 20.83 -2.87 9.81
C PRO B 188 20.16 -2.77 11.19
N PHE B 189 19.02 -2.07 11.24
CA PHE B 189 18.34 -1.82 12.50
C PHE B 189 17.30 -2.89 12.81
N ASP B 190 17.40 -3.44 14.02
CA ASP B 190 16.45 -4.42 14.52
C ASP B 190 15.51 -3.73 15.51
N PRO B 191 14.22 -3.63 15.16
CA PRO B 191 13.21 -3.02 16.04
C PRO B 191 13.01 -3.79 17.34
N ALA B 192 13.46 -5.04 17.38
CA ALA B 192 13.38 -5.88 18.58
C ALA B 192 14.25 -5.36 19.71
N ASN B 193 15.37 -4.73 19.39
CA ASN B 193 16.14 -3.98 20.39
C ASN B 193 16.30 -2.51 19.99
N PRO B 194 15.33 -1.67 20.40
CA PRO B 194 15.30 -0.28 19.96
C PRO B 194 16.30 0.61 20.68
N LYS B 195 16.58 1.75 20.06
CA LYS B 195 17.21 2.89 20.71
C LYS B 195 16.42 4.12 20.29
N LYS B 196 16.48 5.16 21.11
CA LYS B 196 15.82 6.42 20.80
C LYS B 196 16.64 7.19 19.79
N PHE B 197 15.94 7.82 18.85
CA PHE B 197 16.56 8.69 17.83
C PHE B 197 16.01 10.11 17.95
N SER B 198 16.82 11.09 17.58
CA SER B 198 16.34 12.45 17.46
C SER B 198 15.97 12.76 16.00
N ILE B 199 16.48 11.95 15.07
CA ILE B 199 16.24 12.13 13.63
C ILE B 199 15.69 10.85 13.02
N ILE B 200 14.51 10.92 12.41
CA ILE B 200 13.89 9.76 11.78
C ILE B 200 13.42 10.11 10.37
N PHE B 201 13.81 9.28 9.40
CA PHE B 201 13.36 9.45 8.01
C PHE B 201 12.54 8.22 7.61
N GLU B 202 11.27 8.43 7.24
CA GLU B 202 10.38 7.32 6.88
C GLU B 202 9.84 7.47 5.45
N ALA B 203 10.05 6.44 4.63
CA ALA B 203 9.51 6.45 3.27
C ALA B 203 8.74 5.16 2.96
N THR B 204 7.59 5.01 3.61
CA THR B 204 6.77 3.82 3.50
C THR B 204 5.32 4.20 3.20
N PRO B 205 4.62 3.42 2.33
CA PRO B 205 3.19 3.64 2.09
C PRO B 205 2.28 3.10 3.21
N CYS B 206 2.86 2.82 4.37
CA CYS B 206 2.12 2.24 5.50
C CYS B 206 2.12 3.15 6.73
N ALA B 207 1.14 2.89 7.60
CA ALA B 207 0.98 3.60 8.86
C ALA B 207 1.58 2.79 10.01
N ASN B 208 1.81 3.45 11.13
CA ASN B 208 2.34 2.81 12.36
C ASN B 208 3.65 2.05 12.13
N THR B 209 4.56 2.67 11.38
CA THR B 209 5.83 2.01 11.06
C THR B 209 6.94 2.37 12.03
N ILE B 210 6.70 3.37 12.86
CA ILE B 210 7.70 3.89 13.78
C ILE B 210 7.29 3.53 15.21
N PRO B 211 7.97 2.54 15.81
CA PRO B 211 7.59 2.14 17.18
C PRO B 211 7.84 3.23 18.20
N GLU B 212 6.99 3.28 19.23
CA GLU B 212 7.13 4.25 20.32
C GLU B 212 8.53 4.26 20.94
N ALA B 213 9.10 3.07 21.14
CA ALA B 213 10.41 2.90 21.79
C ALA B 213 11.55 3.58 21.02
N VAL B 214 11.30 3.95 19.77
CA VAL B 214 12.29 4.59 18.92
C VAL B 214 12.25 6.12 19.04
N LEU B 215 11.17 6.62 19.65
CA LEU B 215 10.92 8.05 19.80
C LEU B 215 11.62 8.67 21.00
N SER B 216 11.99 9.94 20.85
CA SER B 216 12.46 10.76 21.95
C SER B 216 11.71 12.09 21.88
N GLU B 217 11.70 12.83 22.98
CA GLU B 217 10.98 14.11 23.04
C GLU B 217 11.51 15.09 21.99
N ASN B 218 10.58 15.75 21.31
CA ASN B 218 10.89 16.74 20.25
C ASN B 218 11.69 16.20 19.07
N CYS B 219 11.74 14.88 18.89
CA CYS B 219 12.44 14.32 17.73
C CYS B 219 11.79 14.73 16.41
N VAL B 220 12.55 14.64 15.31
CA VAL B 220 12.05 14.98 13.99
C VAL B 220 11.68 13.72 13.25
N LEU B 221 10.45 13.70 12.74
CA LEU B 221 10.03 12.68 11.80
C LEU B 221 9.77 13.35 10.45
N SER B 222 10.63 13.02 9.50
CA SER B 222 10.59 13.57 8.18
C SER B 222 10.11 12.47 7.26
N THR B 223 8.92 12.64 6.68
CA THR B 223 8.30 11.54 5.93
C THR B 223 7.46 11.98 4.72
N PRO B 224 7.88 11.56 3.51
CA PRO B 224 7.00 11.76 2.37
C PRO B 224 5.93 10.67 2.33
N GLY B 225 6.08 9.67 3.20
CA GLY B 225 5.18 8.52 3.24
C GLY B 225 3.73 8.89 3.43
N ILE B 226 2.86 8.19 2.70
CA ILE B 226 1.41 8.33 2.80
C ILE B 226 0.80 6.93 2.97
N PRO B 227 0.10 6.69 4.08
CA PRO B 227 -0.16 7.64 5.16
C PRO B 227 0.93 7.72 6.23
N CYS B 228 0.60 8.45 7.29
CA CYS B 228 1.54 8.86 8.34
C CYS B 228 2.09 7.71 9.16
N ALA B 229 3.40 7.75 9.37
CA ALA B 229 4.17 6.70 10.01
C ALA B 229 3.86 6.53 11.50
N ILE B 230 3.25 7.55 12.08
CA ILE B 230 3.02 7.59 13.51
C ILE B 230 1.59 8.05 13.80
N SER B 231 0.99 7.50 14.85
CA SER B 231 -0.37 7.89 15.24
C SER B 231 -0.37 9.28 15.87
N GLU B 232 -1.54 9.91 15.89
CA GLU B 232 -1.72 11.23 16.47
C GLU B 232 -1.34 11.24 17.97
N GLU B 233 -1.70 10.16 18.66
CA GLU B 233 -1.36 9.99 20.08
C GLU B 233 0.15 10.06 20.33
N LEU B 234 0.91 9.21 19.64
CA LEU B 234 2.37 9.18 19.78
C LEU B 234 3.01 10.51 19.38
N ARG B 235 2.46 11.14 18.35
CA ARG B 235 2.95 12.44 17.86
C ARG B 235 2.80 13.53 18.93
N ASP B 236 1.65 13.54 19.60
CA ASP B 236 1.38 14.51 20.68
C ASP B 236 2.14 14.19 21.96
N LYS B 237 2.22 12.89 22.29
CA LYS B 237 2.90 12.43 23.49
C LYS B 237 4.37 12.83 23.52
N TYR B 238 5.05 12.62 22.40
CA TYR B 238 6.48 12.89 22.31
C TYR B 238 6.82 14.25 21.69
N GLU B 239 5.77 15.03 21.40
CA GLU B 239 5.91 16.34 20.75
C GLU B 239 6.76 16.24 19.48
N VAL B 240 6.46 15.22 18.68
CA VAL B 240 7.23 14.93 17.48
C VAL B 240 7.15 16.10 16.50
N GLN B 241 8.31 16.52 16.00
CA GLN B 241 8.36 17.53 14.96
C GLN B 241 8.23 16.87 13.59
N LEU B 242 7.02 16.96 13.05
CA LEU B 242 6.63 16.21 11.86
C LEU B 242 6.81 17.02 10.59
N ILE B 243 7.45 16.42 9.58
CA ILE B 243 7.51 17.02 8.26
C ILE B 243 6.87 16.02 7.31
N ALA B 244 5.64 16.31 6.89
CA ALA B 244 4.89 15.41 6.02
C ALA B 244 3.93 16.20 5.14
N GLU B 245 4.10 16.04 3.84
CA GLU B 245 3.40 16.83 2.86
C GLU B 245 3.36 15.95 1.60
N PRO B 246 2.25 15.95 0.85
CA PRO B 246 2.07 14.90 -0.16
C PRO B 246 2.65 15.10 -1.56
N LEU B 247 3.11 16.31 -1.90
CA LEU B 247 3.57 16.55 -3.30
C LEU B 247 4.59 17.68 -3.45
N GLY B 248 4.39 18.75 -2.68
CA GLY B 248 5.08 20.02 -2.90
C GLY B 248 6.57 20.05 -2.60
N ILE B 249 6.99 19.44 -1.50
CA ILE B 249 8.42 19.40 -1.17
C ILE B 249 9.20 18.64 -2.25
N GLY B 250 8.71 17.46 -2.62
CA GLY B 250 9.34 16.65 -3.64
C GLY B 250 9.37 17.32 -5.01
N THR B 251 8.32 18.08 -5.32
CA THR B 251 8.24 18.81 -6.60
C THR B 251 9.27 19.95 -6.62
N ALA B 252 9.40 20.65 -5.50
CA ALA B 252 10.42 21.69 -5.34
C ALA B 252 11.83 21.15 -5.54
N SER B 253 12.14 20.00 -4.93
CA SER B 253 13.44 19.34 -5.12
C SER B 253 13.73 19.05 -6.60
N MET B 254 12.74 18.48 -7.29
CA MET B 254 12.79 18.27 -8.75
C MET B 254 13.14 19.55 -9.49
N LEU B 255 12.37 20.60 -9.24
CA LEU B 255 12.50 21.84 -10.00
C LEU B 255 13.81 22.57 -9.73
N TYR B 256 14.20 22.70 -8.46
CA TYR B 256 15.46 23.36 -8.15
C TYR B 256 16.67 22.54 -8.63
N SER B 257 16.51 21.22 -8.70
CA SER B 257 17.58 20.35 -9.21
C SER B 257 17.84 20.49 -10.72
N VAL B 258 16.87 20.99 -11.46
CA VAL B 258 17.10 21.13 -12.91
C VAL B 258 17.41 22.56 -13.33
N LEU B 259 17.37 23.49 -12.37
CA LEU B 259 17.62 24.90 -12.67
C LEU B 259 19.08 25.18 -13.03
PA NAI C . -8.98 -1.65 2.09
O1A NAI C . -8.08 -0.44 1.88
O2A NAI C . -10.45 -1.54 1.79
O5B NAI C . -8.82 -2.16 3.60
C5B NAI C . -7.55 -2.15 4.25
C4B NAI C . -7.71 -1.58 5.66
O4B NAI C . -6.55 -1.87 6.44
C3B NAI C . -7.89 -0.06 5.65
O3B NAI C . -9.08 0.26 6.37
C2B NAI C . -6.67 0.48 6.38
O2B NAI C . -7.04 1.59 7.22
C1B NAI C . -6.21 -0.70 7.21
N9A NAI C . -4.75 -0.65 7.51
C8A NAI C . -3.76 -0.34 6.67
N7A NAI C . -2.55 -0.40 7.29
C5A NAI C . -2.77 -0.75 8.57
C6A NAI C . -1.94 -1.00 9.77
N6A NAI C . -0.59 -0.88 9.73
N1A NAI C . -2.57 -1.36 10.91
C2A NAI C . -3.92 -1.50 10.97
N3A NAI C . -4.73 -1.28 9.92
C4A NAI C . -4.22 -0.93 8.72
O3 NAI C . -8.35 -2.86 1.23
PN NAI C . -9.15 -4.25 1.10
O1N NAI C . -9.97 -4.19 -0.16
O2N NAI C . -9.84 -4.57 2.41
O5D NAI C . -7.96 -5.32 0.89
C5D NAI C . -7.04 -5.63 1.94
C4D NAI C . -5.87 -6.46 1.40
O4D NAI C . -6.32 -7.73 0.93
C3D NAI C . -5.19 -5.78 0.22
O3D NAI C . -3.78 -5.94 0.42
C2D NAI C . -5.60 -6.59 -0.99
O2D NAI C . -4.56 -6.59 -1.97
C1D NAI C . -5.82 -7.97 -0.40
N1N NAI C . -6.75 -8.87 -1.10
C2N NAI C . -6.40 -10.16 -1.15
C3N NAI C . -7.18 -11.13 -1.77
C7N NAI C . -6.71 -12.57 -1.78
O7N NAI C . -7.40 -13.44 -2.28
N7N NAI C . -5.54 -12.86 -1.22
C4N NAI C . -8.50 -10.74 -2.42
C5N NAI C . -8.77 -9.30 -2.28
C6N NAI C . -7.90 -8.43 -1.64
NA NA D . -0.87 -7.29 5.52
MG MG E . -7.24 -15.56 -1.77
O18 0TF F . -5.93 -7.15 -7.84
C11 0TF F . -7.14 -6.98 -7.77
C12 0TF F . -7.90 -7.36 -6.52
C14 0TF F . -8.61 -8.70 -6.71
C15 0TF F . -7.66 -9.87 -6.93
C16 0TF F . -7.46 -10.67 -5.66
N17 0TF F . -6.52 -9.98 -4.77
N13 0TF F . -7.01 -7.42 -5.38
N6 0TF F . -7.88 -6.46 -8.73
C5 0TF F . -7.33 -6.05 -10.00
C4 0TF F . -7.59 -7.09 -11.08
C3 0TF F . -7.57 -6.45 -12.45
C2 0TF F . -7.58 -7.54 -13.52
C1 0TF F . -7.25 -6.99 -14.90
N7 0TF F . -8.27 -6.05 -15.31
C8 0TF F . -7.18 -8.14 -15.86
O10 0TF F . -6.11 -8.80 -15.94
O9 0TF F . -8.17 -8.42 -16.57
O18 0TF G . 1.22 9.49 -7.36
C11 0TF G . 2.26 9.41 -8.00
C12 0TF G . 3.60 9.46 -7.31
C14 0TF G . 4.23 10.84 -7.48
C15 0TF G . 3.43 11.93 -6.80
C16 0TF G . 4.06 12.29 -5.46
N17 0TF G . 3.65 11.31 -4.47
N13 0TF G . 3.50 9.12 -5.90
N6 0TF G . 2.32 9.26 -9.32
C5 0TF G . 1.13 9.11 -10.14
C4 0TF G . 0.79 10.44 -10.80
C3 0TF G . -0.20 10.27 -11.94
C2 0TF G . -0.61 11.63 -12.47
C1 0TF G . -1.72 11.52 -13.52
N7 0TF G . -1.24 10.80 -14.68
C8 0TF G . -2.15 12.91 -13.92
O10 0TF G . -3.09 13.41 -13.27
O9 0TF G . -1.57 13.51 -14.84
PA NAI H . 8.62 1.69 -2.63
O1A NAI H . 7.58 0.61 -2.65
O2A NAI H . 9.68 1.75 -3.70
O5B NAI H . 9.32 1.67 -1.20
C5B NAI H . 8.55 1.46 -0.02
C4B NAI H . 9.36 0.52 0.87
O4B NAI H . 8.78 0.50 2.18
C3B NAI H . 9.34 -0.91 0.36
O3B NAI H . 10.69 -1.36 0.19
C2B NAI H . 8.65 -1.71 1.44
O2B NAI H . 9.28 -2.98 1.63
C1B NAI H . 8.85 -0.84 2.66
N9A NAI H . 7.85 -1.07 3.74
C8A NAI H . 6.52 -1.20 3.61
N7A NAI H . 5.92 -1.38 4.81
C5A NAI H . 6.89 -1.36 5.75
C6A NAI H . 6.98 -1.50 7.22
N6A NAI H . 5.87 -1.70 7.97
N1A NAI H . 8.20 -1.42 7.80
C2A NAI H . 9.33 -1.22 7.09
N3A NAI H . 9.33 -1.09 5.74
C4A NAI H . 8.16 -1.15 5.03
O3 NAI H . 7.80 3.08 -2.54
PN NAI H . 8.50 4.51 -2.77
O1N NAI H . 8.44 4.78 -4.24
O2N NAI H . 9.85 4.53 -2.09
O5D NAI H . 7.45 5.47 -2.03
C5D NAI H . 7.20 5.36 -0.63
C4D NAI H . 6.06 6.29 -0.24
O4D NAI H . 6.35 7.65 -0.61
C3D NAI H . 4.76 5.93 -0.93
O3D NAI H . 3.74 5.99 0.07
C2D NAI H . 4.57 7.01 -1.97
O2D NAI H . 3.22 7.24 -2.29
C1D NAI H . 5.20 8.21 -1.26
N1N NAI H . 5.68 9.34 -2.07
C2N NAI H . 5.50 10.58 -1.55
C3N NAI H . 5.94 11.75 -2.19
C7N NAI H . 5.69 13.07 -1.50
O7N NAI H . 6.17 14.12 -1.93
N7N NAI H . 5.00 13.05 -0.35
C4N NAI H . 6.67 11.67 -3.51
C5N NAI H . 6.80 10.27 -3.96
C6N NAI H . 6.32 9.18 -3.24
NA NA I . 3.84 5.78 5.73
MG MG J . 6.53 16.08 -0.97
#